data_1E42
#
_entry.id   1E42
#
_cell.length_a   97.040
_cell.length_b   124.590
_cell.length_c   67.640
_cell.angle_alpha   90.00
_cell.angle_beta   124.18
_cell.angle_gamma   90.00
#
_symmetry.space_group_name_H-M   'C 1 2 1'
#
loop_
_entity.id
_entity.type
_entity.pdbx_description
1 polymer 'AP-2 COMPLEX SUBUNIT BETA'
2 non-polymer 'DITHIANE DIOL'
3 non-polymer 'MAGNESIUM ION'
4 non-polymer 'CHLORIDE ION'
5 non-polymer GLYCEROL
6 non-polymer 'NICKEL (II) ION'
7 water water
#
_entity_poly.entity_id   1
_entity_poly.type   'polypeptide(L)'
_entity_poly.pdbx_seq_one_letter_code
;MGSSHHHHHHSSGLVPRGSHMGMAPGGYVAPKAVWLPAVKAKGLEISGTFTHRQGHIYMEMNFTNKALQHMTDFAIQFNK
NSFGVIPSTPLAIHTPLMPNQSIDVSLPLNTLGPVMKMEPLNNLQVAVKNNIDVFYFSCLIPLNVLFVEDGKMERQVFLA
TWKDIPNENELQFQIKECHLNADTVSSKLQNNNVYTIAKRNVEGQDMLYQSLKLTNGIWILAELRIQPGNPNYTLSLKCR
APEVSQYIYQVYDSILKN
;
_entity_poly.pdbx_strand_id   A,B
#
loop_
_chem_comp.id
_chem_comp.type
_chem_comp.name
_chem_comp.formula
CL non-polymer 'CHLORIDE ION' 'Cl -1'
DTD non-polymer 'DITHIANE DIOL' 'C4 H8 O2 S2'
GOL non-polymer GLYCEROL 'C3 H8 O3'
MG non-polymer 'MAGNESIUM ION' 'Mg 2'
NI non-polymer 'NICKEL (II) ION' 'Ni 2'
#
# COMPACT_ATOMS: atom_id res chain seq x y z
N GLY A 26 -4.06 9.04 -22.53
CA GLY A 26 -4.65 8.95 -21.16
C GLY A 26 -6.16 9.10 -21.21
N GLY A 27 -6.87 8.38 -20.35
CA GLY A 27 -8.31 8.58 -20.21
C GLY A 27 -8.79 9.81 -19.48
N TYR A 28 -10.11 9.88 -19.41
CA TYR A 28 -10.82 10.95 -18.78
C TYR A 28 -10.54 10.96 -17.28
N VAL A 29 -10.28 12.16 -16.75
CA VAL A 29 -10.02 12.38 -15.34
C VAL A 29 -10.86 13.56 -14.95
N ALA A 30 -11.76 13.36 -14.01
CA ALA A 30 -12.62 14.45 -13.56
C ALA A 30 -11.83 15.50 -12.80
N PRO A 31 -12.22 16.77 -12.86
CA PRO A 31 -11.51 17.75 -12.05
C PRO A 31 -11.67 17.42 -10.57
N LYS A 32 -10.69 17.76 -9.76
CA LYS A 32 -10.78 17.58 -8.31
C LYS A 32 -12.02 18.27 -7.75
N ALA A 33 -12.68 17.62 -6.81
CA ALA A 33 -13.80 18.21 -6.12
C ALA A 33 -13.52 18.18 -4.63
N VAL A 34 -14.14 19.10 -3.88
CA VAL A 34 -14.02 19.11 -2.45
C VAL A 34 -14.74 17.90 -1.88
N TRP A 35 -13.96 17.08 -1.18
CA TRP A 35 -14.43 15.86 -0.56
C TRP A 35 -14.67 16.04 0.93
N LEU A 36 -13.81 16.85 1.54
CA LEU A 36 -13.90 17.12 2.95
C LEU A 36 -13.54 18.60 3.17
N PRO A 37 -14.53 19.42 3.40
CA PRO A 37 -14.30 20.85 3.71
C PRO A 37 -13.66 21.10 5.07
N ALA A 38 -12.68 22.00 5.13
CA ALA A 38 -11.99 22.37 6.40
C ALA A 38 -12.92 22.53 7.61
N VAL A 39 -14.05 23.19 7.42
CA VAL A 39 -14.94 23.51 8.54
C VAL A 39 -15.67 22.32 9.14
N LYS A 40 -15.70 21.23 8.40
CA LYS A 40 -16.29 20.01 8.94
C LYS A 40 -15.19 19.12 9.55
N ALA A 41 -13.93 19.44 9.27
CA ALA A 41 -12.80 18.60 9.70
C ALA A 41 -11.72 19.31 10.50
N LYS A 42 -12.15 20.25 11.35
CA LYS A 42 -11.25 20.96 12.23
C LYS A 42 -10.08 21.52 11.42
N GLY A 43 -10.39 22.06 10.25
CA GLY A 43 -9.42 22.72 9.41
C GLY A 43 -8.78 21.93 8.29
N LEU A 44 -9.05 20.64 8.24
CA LEU A 44 -8.46 19.84 7.18
C LEU A 44 -9.32 19.88 5.96
N GLU A 45 -8.79 20.31 4.83
CA GLU A 45 -9.58 20.32 3.62
C GLU A 45 -8.98 19.35 2.58
N ILE A 46 -9.78 18.40 2.14
CA ILE A 46 -9.35 17.49 1.08
C ILE A 46 -10.18 17.67 -0.18
N SER A 47 -9.49 17.83 -1.29
CA SER A 47 -10.08 17.78 -2.62
C SER A 47 -9.50 16.56 -3.35
N GLY A 48 -10.26 15.98 -4.27
CA GLY A 48 -9.79 14.77 -4.92
C GLY A 48 -10.43 14.36 -6.21
N THR A 49 -9.73 13.47 -6.89
CA THR A 49 -10.23 12.85 -8.11
C THR A 49 -9.54 11.51 -8.23
N PHE A 50 -9.98 10.71 -9.20
CA PHE A 50 -9.37 9.43 -9.46
C PHE A 50 -8.83 9.43 -10.86
N THR A 51 -7.71 8.73 -11.01
CA THR A 51 -7.10 8.52 -12.29
C THR A 51 -6.68 7.07 -12.47
N HIS A 52 -6.39 6.72 -13.71
CA HIS A 52 -5.88 5.42 -14.06
C HIS A 52 -4.66 5.69 -14.95
N ARG A 53 -3.48 5.29 -14.50
CA ARG A 53 -2.23 5.54 -15.22
C ARG A 53 -1.52 4.24 -15.56
N GLN A 54 -1.54 3.85 -16.82
CA GLN A 54 -0.83 2.65 -17.23
C GLN A 54 -1.07 1.49 -16.26
N GLY A 55 -2.31 1.02 -16.28
CA GLY A 55 -2.75 -0.10 -15.47
C GLY A 55 -2.78 0.18 -13.97
N HIS A 56 -2.55 1.42 -13.56
CA HIS A 56 -2.54 1.73 -12.12
C HIS A 56 -3.53 2.80 -11.71
N ILE A 57 -4.31 2.51 -10.67
CA ILE A 57 -5.34 3.42 -10.20
C ILE A 57 -4.82 4.29 -9.06
N TYR A 58 -5.14 5.57 -9.09
CA TYR A 58 -4.74 6.49 -8.06
C TYR A 58 -5.88 7.33 -7.59
N MET A 59 -5.84 7.61 -6.31
CA MET A 59 -6.72 8.57 -5.73
C MET A 59 -5.83 9.78 -5.53
N GLU A 60 -6.05 10.77 -6.37
CA GLU A 60 -5.26 11.97 -6.36
C GLU A 60 -5.92 13.05 -5.54
N MET A 61 -5.23 13.45 -4.49
CA MET A 61 -5.81 14.44 -3.62
C MET A 61 -4.95 15.68 -3.32
N ASN A 62 -5.61 16.71 -2.81
CA ASN A 62 -4.92 17.88 -2.30
C ASN A 62 -5.42 18.07 -0.87
N PHE A 63 -4.49 18.11 0.08
CA PHE A 63 -4.80 18.29 1.48
C PHE A 63 -4.34 19.71 1.83
N THR A 64 -5.19 20.49 2.46
CA THR A 64 -4.77 21.83 2.84
C THR A 64 -5.05 21.98 4.34
N ASN A 65 -4.09 22.54 5.05
CA ASN A 65 -4.28 22.81 6.47
C ASN A 65 -4.79 24.23 6.70
N LYS A 66 -6.08 24.37 6.93
CA LYS A 66 -6.68 25.68 7.20
C LYS A 66 -6.87 25.90 8.69
N ALA A 67 -6.19 25.10 9.51
CA ALA A 67 -6.26 25.22 10.96
C ALA A 67 -5.08 26.05 11.46
N LEU A 68 -4.94 26.18 12.79
CA LEU A 68 -3.79 26.87 13.38
C LEU A 68 -2.82 25.93 14.09
N GLN A 69 -2.95 24.60 13.91
CA GLN A 69 -2.02 23.65 14.53
C GLN A 69 -1.36 22.90 13.39
N HIS A 70 -0.17 22.35 13.62
CA HIS A 70 0.49 21.58 12.56
C HIS A 70 -0.27 20.27 12.50
N MET A 71 -0.36 19.68 11.33
CA MET A 71 -1.03 18.41 11.22
C MET A 71 0.00 17.36 10.86
N THR A 72 -0.09 16.27 11.58
CA THR A 72 0.78 15.13 11.37
C THR A 72 -0.04 13.83 11.42
N ASP A 73 0.67 12.72 11.32
CA ASP A 73 0.11 11.40 11.56
C ASP A 73 -1.06 11.06 10.69
N PHE A 74 -0.98 11.45 9.43
CA PHE A 74 -2.03 11.24 8.46
C PHE A 74 -2.16 9.76 8.15
N ALA A 75 -3.40 9.29 8.05
CA ALA A 75 -3.65 7.90 7.68
C ALA A 75 -5.04 7.86 7.01
N ILE A 76 -5.30 6.82 6.22
CA ILE A 76 -6.54 6.72 5.46
C ILE A 76 -6.97 5.27 5.35
N GLN A 77 -8.27 5.05 5.36
CA GLN A 77 -8.82 3.75 5.05
C GLN A 77 -10.18 3.92 4.39
N PHE A 78 -10.63 2.90 3.68
CA PHE A 78 -11.92 2.89 3.01
C PHE A 78 -12.80 1.83 3.61
N ASN A 79 -14.12 2.05 3.59
CA ASN A 79 -15.01 0.95 3.91
C ASN A 79 -15.00 -0.06 2.76
N LYS A 80 -15.48 -1.27 3.00
CA LYS A 80 -15.56 -2.35 2.02
C LYS A 80 -16.50 -1.77 0.95
N ASN A 81 -16.26 -2.09 -0.29
CA ASN A 81 -16.92 -1.44 -1.39
C ASN A 81 -17.10 -2.37 -2.58
N SER A 82 -17.90 -1.97 -3.57
CA SER A 82 -18.35 -2.90 -4.60
C SER A 82 -17.31 -3.57 -5.46
N PHE A 83 -16.23 -2.82 -5.69
CA PHE A 83 -15.15 -3.24 -6.59
C PHE A 83 -13.92 -3.56 -5.83
N GLY A 84 -14.05 -3.67 -4.52
CA GLY A 84 -12.93 -4.10 -3.66
C GLY A 84 -11.70 -3.18 -3.64
N VAL A 85 -11.96 -1.90 -3.77
CA VAL A 85 -10.98 -0.84 -3.81
C VAL A 85 -10.35 -0.56 -2.46
N ILE A 86 -9.01 -0.57 -2.41
CA ILE A 86 -8.32 -0.25 -1.16
C ILE A 86 -7.06 0.54 -1.53
N PRO A 87 -6.51 1.29 -0.60
CA PRO A 87 -5.16 1.86 -0.83
C PRO A 87 -4.21 0.70 -0.89
N SER A 88 -3.21 0.82 -1.73
CA SER A 88 -2.19 -0.23 -1.80
C SER A 88 -0.97 0.08 -0.93
N THR A 89 -0.88 1.29 -0.43
CA THR A 89 0.23 1.67 0.44
C THR A 89 -0.25 2.67 1.50
N PRO A 90 0.53 2.93 2.53
CA PRO A 90 0.26 4.06 3.42
C PRO A 90 0.28 5.37 2.68
N LEU A 91 -0.43 6.30 3.25
CA LEU A 91 -0.57 7.62 2.66
C LEU A 91 0.75 8.35 2.82
N ALA A 92 1.28 8.86 1.70
CA ALA A 92 2.65 9.37 1.65
C ALA A 92 2.74 10.84 2.02
N ILE A 93 2.48 11.12 3.29
CA ILE A 93 2.62 12.47 3.80
C ILE A 93 3.62 12.32 4.94
N HIS A 94 4.82 12.84 4.76
CA HIS A 94 5.88 12.52 5.72
C HIS A 94 6.26 13.70 6.60
N THR A 95 5.85 14.90 6.23
CA THR A 95 6.27 16.05 7.01
C THR A 95 5.03 16.68 7.58
N PRO A 96 5.18 17.46 8.65
CA PRO A 96 3.99 18.12 9.18
C PRO A 96 3.50 19.04 8.12
N LEU A 97 2.19 19.12 7.98
CA LEU A 97 1.53 20.00 7.08
C LEU A 97 1.25 21.20 7.96
N MET A 98 1.92 22.30 7.65
CA MET A 98 1.88 23.48 8.50
C MET A 98 0.61 24.27 8.18
N PRO A 99 0.20 25.11 9.11
CA PRO A 99 -0.90 26.02 8.83
C PRO A 99 -0.72 26.76 7.50
N ASN A 100 -1.78 26.81 6.70
CA ASN A 100 -1.82 27.43 5.37
C ASN A 100 -1.20 26.60 4.25
N GLN A 101 -0.54 25.49 4.57
CA GLN A 101 0.10 24.68 3.56
C GLN A 101 -0.88 23.75 2.88
N SER A 102 -0.56 23.44 1.64
CA SER A 102 -1.39 22.64 0.77
C SER A 102 -0.50 21.68 0.00
N ILE A 103 -0.72 20.37 0.12
CA ILE A 103 0.10 19.40 -0.58
C ILE A 103 -0.71 18.51 -1.51
N ASP A 104 -0.05 18.03 -2.57
CA ASP A 104 -0.71 17.13 -3.50
C ASP A 104 -0.26 15.76 -3.08
N VAL A 105 -1.20 14.83 -3.03
CA VAL A 105 -0.93 13.48 -2.59
C VAL A 105 -1.52 12.48 -3.61
N SER A 106 -0.70 11.58 -4.13
CA SER A 106 -1.16 10.54 -5.05
C SER A 106 -1.19 9.21 -4.29
N LEU A 107 -2.38 8.73 -4.04
CA LEU A 107 -2.52 7.48 -3.30
C LEU A 107 -2.83 6.31 -4.23
N PRO A 108 -1.91 5.39 -4.39
CA PRO A 108 -2.16 4.25 -5.26
C PRO A 108 -3.20 3.31 -4.64
N LEU A 109 -4.11 2.85 -5.49
CA LEU A 109 -5.20 1.94 -5.11
C LEU A 109 -5.13 0.65 -5.87
N ASN A 110 -5.73 -0.39 -5.33
CA ASN A 110 -5.96 -1.55 -6.11
C ASN A 110 -7.30 -2.15 -5.80
N THR A 111 -7.64 -3.22 -6.51
CA THR A 111 -8.96 -3.83 -6.34
C THR A 111 -8.92 -5.19 -5.71
N LEU A 112 -7.93 -5.39 -4.85
CA LEU A 112 -7.75 -6.65 -4.14
C LEU A 112 -8.41 -6.73 -2.80
N GLY A 113 -9.19 -5.72 -2.43
CA GLY A 113 -9.66 -5.66 -1.09
C GLY A 113 -11.03 -6.24 -0.94
N PRO A 114 -11.54 -6.18 0.27
CA PRO A 114 -12.81 -6.79 0.52
C PRO A 114 -13.93 -6.15 -0.27
N VAL A 115 -14.84 -7.01 -0.70
CA VAL A 115 -15.99 -6.59 -1.49
C VAL A 115 -17.29 -6.60 -0.69
N MET A 116 -17.98 -5.48 -0.66
CA MET A 116 -19.33 -5.37 -0.16
C MET A 116 -20.03 -4.44 -1.13
N LYS A 117 -21.20 -4.87 -1.57
CA LYS A 117 -21.98 -4.11 -2.56
C LYS A 117 -22.63 -2.91 -1.93
N MET A 118 -22.25 -1.75 -2.43
CA MET A 118 -22.71 -0.50 -1.91
C MET A 118 -23.83 0.08 -2.82
N GLU A 119 -24.55 1.04 -2.28
CA GLU A 119 -25.58 1.79 -3.01
C GLU A 119 -25.26 3.24 -2.75
N PRO A 120 -24.96 4.01 -3.77
CA PRO A 120 -24.87 3.57 -5.16
C PRO A 120 -23.65 2.69 -5.33
N LEU A 121 -23.70 1.94 -6.41
CA LEU A 121 -22.71 0.90 -6.65
C LEU A 121 -21.26 1.38 -6.59
N ASN A 122 -20.99 2.61 -7.02
CA ASN A 122 -19.66 3.21 -7.07
C ASN A 122 -19.30 4.14 -5.89
N ASN A 123 -20.05 4.08 -4.81
CA ASN A 123 -19.77 4.93 -3.66
C ASN A 123 -18.65 4.35 -2.87
N LEU A 124 -17.82 5.22 -2.33
CA LEU A 124 -16.67 4.86 -1.54
C LEU A 124 -16.70 5.70 -0.26
N GLN A 125 -16.77 5.04 0.88
CA GLN A 125 -16.63 5.70 2.18
C GLN A 125 -15.19 5.70 2.63
N VAL A 126 -14.74 6.85 3.09
CA VAL A 126 -13.37 7.10 3.44
C VAL A 126 -13.26 7.67 4.86
N ALA A 127 -12.19 7.31 5.55
CA ALA A 127 -11.84 7.86 6.84
C ALA A 127 -10.41 8.34 6.69
N VAL A 128 -10.21 9.60 7.02
CA VAL A 128 -8.89 10.17 7.10
C VAL A 128 -8.66 10.70 8.52
N LYS A 129 -7.50 10.30 9.05
CA LYS A 129 -7.05 10.66 10.39
C LYS A 129 -5.83 11.52 10.32
N ASN A 130 -5.73 12.41 11.31
CA ASN A 130 -4.49 13.12 11.55
C ASN A 130 -4.34 13.14 13.06
N ASN A 131 -3.48 14.01 13.58
CA ASN A 131 -3.22 14.03 14.99
C ASN A 131 -4.32 14.71 15.81
N ILE A 132 -5.25 15.35 15.13
CA ILE A 132 -6.32 16.08 15.75
C ILE A 132 -7.53 15.17 15.91
N ASP A 133 -7.93 14.49 14.85
CA ASP A 133 -9.09 13.60 14.90
C ASP A 133 -9.14 12.71 13.66
N VAL A 134 -10.18 11.90 13.62
CA VAL A 134 -10.56 11.10 12.45
C VAL A 134 -11.79 11.71 11.81
N PHE A 135 -11.78 11.81 10.48
CA PHE A 135 -12.86 12.46 9.75
C PHE A 135 -13.39 11.49 8.67
N TYR A 136 -14.68 11.63 8.35
CA TYR A 136 -15.31 10.76 7.38
C TYR A 136 -15.98 11.47 6.28
N PHE A 137 -15.87 10.89 5.08
CA PHE A 137 -16.48 11.41 3.91
C PHE A 137 -16.69 10.31 2.90
N SER A 138 -17.51 10.58 1.91
CA SER A 138 -17.70 9.63 0.83
C SER A 138 -17.48 10.33 -0.50
N CYS A 139 -17.21 9.54 -1.51
CA CYS A 139 -17.04 10.05 -2.84
C CYS A 139 -17.35 8.97 -3.81
N LEU A 140 -17.62 9.37 -5.03
CA LEU A 140 -18.06 8.44 -6.03
C LEU A 140 -16.98 8.13 -7.03
N ILE A 141 -16.68 6.84 -7.19
CA ILE A 141 -15.65 6.42 -8.11
C ILE A 141 -16.11 6.37 -9.56
N PRO A 142 -15.49 7.11 -10.46
CA PRO A 142 -15.88 7.01 -11.86
C PRO A 142 -15.43 5.63 -12.37
N LEU A 143 -16.32 4.86 -12.99
CA LEU A 143 -15.95 3.47 -13.32
C LEU A 143 -14.88 3.30 -14.36
N ASN A 144 -14.59 4.34 -15.13
CA ASN A 144 -13.58 4.19 -16.16
C ASN A 144 -12.18 3.91 -15.58
N VAL A 145 -11.92 4.32 -14.33
CA VAL A 145 -10.64 3.95 -13.75
C VAL A 145 -10.54 2.48 -13.49
N LEU A 146 -11.68 1.80 -13.56
CA LEU A 146 -11.73 0.35 -13.36
C LEU A 146 -11.82 -0.41 -14.67
N PHE A 147 -11.65 0.31 -15.79
CA PHE A 147 -11.66 -0.36 -17.09
C PHE A 147 -10.26 -0.86 -17.40
N VAL A 148 -10.11 -2.17 -17.49
CA VAL A 148 -8.79 -2.73 -17.66
C VAL A 148 -8.23 -2.68 -19.10
N GLU A 149 -6.91 -2.80 -19.20
CA GLU A 149 -6.24 -2.76 -20.52
C GLU A 149 -6.67 -3.93 -21.41
N ASP A 150 -6.78 -5.13 -20.87
CA ASP A 150 -7.16 -6.31 -21.66
C ASP A 150 -8.69 -6.47 -21.74
N GLY A 151 -9.34 -5.54 -22.43
CA GLY A 151 -10.79 -5.51 -22.54
C GLY A 151 -11.36 -5.49 -23.95
N LYS A 152 -10.54 -5.96 -24.88
CA LYS A 152 -10.91 -6.00 -26.30
C LYS A 152 -11.33 -7.40 -26.70
N MET A 153 -12.63 -7.63 -26.80
CA MET A 153 -13.12 -8.93 -27.18
C MET A 153 -12.88 -9.21 -28.68
N GLU A 154 -12.63 -10.48 -29.02
CA GLU A 154 -12.50 -10.92 -30.41
C GLU A 154 -13.92 -10.87 -30.99
N ARG A 155 -14.06 -10.51 -32.26
CA ARG A 155 -15.38 -10.35 -32.89
C ARG A 155 -16.29 -11.56 -32.64
N GLN A 156 -15.72 -12.71 -32.90
CA GLN A 156 -16.34 -14.01 -32.74
C GLN A 156 -16.92 -14.20 -31.32
N VAL A 157 -16.07 -13.96 -30.34
CA VAL A 157 -16.42 -14.02 -28.93
C VAL A 157 -17.49 -12.96 -28.57
N PHE A 158 -17.38 -11.75 -29.15
CA PHE A 158 -18.36 -10.69 -28.91
C PHE A 158 -19.74 -11.10 -29.33
N LEU A 159 -19.87 -11.62 -30.54
CA LEU A 159 -21.16 -12.04 -30.99
C LEU A 159 -21.67 -13.15 -30.10
N ALA A 160 -20.81 -14.07 -29.77
CA ALA A 160 -21.31 -15.21 -29.01
C ALA A 160 -21.74 -14.78 -27.60
N THR A 161 -20.98 -13.85 -27.04
CA THR A 161 -21.26 -13.39 -25.68
C THR A 161 -22.51 -12.53 -25.66
N TRP A 162 -22.62 -11.61 -26.62
CA TRP A 162 -23.84 -10.83 -26.73
C TRP A 162 -25.03 -11.78 -26.75
N LYS A 163 -24.98 -12.81 -27.59
CA LYS A 163 -26.11 -13.75 -27.70
C LYS A 163 -26.32 -14.55 -26.44
N ASP A 164 -25.24 -14.91 -25.79
CA ASP A 164 -25.36 -15.69 -24.56
C ASP A 164 -26.05 -14.93 -23.42
N ILE A 165 -25.78 -13.63 -23.29
CA ILE A 165 -26.39 -12.82 -22.26
C ILE A 165 -27.87 -12.64 -22.50
N PRO A 166 -28.64 -12.87 -21.45
CA PRO A 166 -30.09 -12.74 -21.56
C PRO A 166 -30.54 -11.40 -22.11
N ASN A 167 -31.48 -11.47 -23.04
CA ASN A 167 -31.94 -10.28 -23.71
C ASN A 167 -32.50 -9.24 -22.76
N GLU A 168 -33.11 -9.69 -21.66
CA GLU A 168 -33.59 -8.80 -20.61
C GLU A 168 -32.47 -7.98 -19.94
N ASN A 169 -31.23 -8.42 -20.08
CA ASN A 169 -30.14 -7.67 -19.47
C ASN A 169 -29.79 -6.44 -20.29
N GLU A 170 -30.17 -6.43 -21.57
CA GLU A 170 -29.85 -5.27 -22.39
C GLU A 170 -30.51 -3.99 -21.94
N LEU A 171 -29.74 -2.95 -21.74
CA LEU A 171 -30.25 -1.66 -21.32
C LEU A 171 -29.80 -0.56 -22.27
N GLN A 172 -30.72 0.40 -22.48
CA GLN A 172 -30.55 1.48 -23.43
C GLN A 172 -30.48 2.82 -22.72
N PHE A 173 -29.53 3.61 -23.17
CA PHE A 173 -29.27 4.93 -22.62
C PHE A 173 -29.04 5.89 -23.78
N GLN A 174 -29.21 7.17 -23.49
CA GLN A 174 -29.04 8.24 -24.47
C GLN A 174 -27.85 9.13 -24.19
N ILE A 175 -26.91 9.19 -25.12
CA ILE A 175 -25.89 10.19 -24.99
C ILE A 175 -26.42 11.41 -25.70
N LYS A 176 -26.88 12.34 -24.88
CA LYS A 176 -27.56 13.53 -25.37
C LYS A 176 -26.63 14.56 -25.94
N GLU A 177 -27.05 15.10 -27.08
CA GLU A 177 -26.32 16.19 -27.71
C GLU A 177 -24.86 15.84 -27.99
N CYS A 178 -24.63 14.79 -28.77
CA CYS A 178 -23.27 14.42 -29.20
C CYS A 178 -23.14 14.63 -30.70
N HIS A 179 -21.98 15.10 -31.16
CA HIS A 179 -21.78 15.46 -32.56
C HIS A 179 -20.42 15.00 -33.05
N LEU A 180 -19.79 14.15 -32.26
CA LEU A 180 -18.54 13.53 -32.65
C LEU A 180 -18.80 12.45 -33.69
N ASN A 181 -17.87 12.30 -34.61
CA ASN A 181 -17.93 11.24 -35.61
C ASN A 181 -17.54 9.92 -34.99
N ALA A 182 -17.97 8.84 -35.63
CA ALA A 182 -17.76 7.52 -35.06
C ALA A 182 -16.33 7.36 -34.80
N ASP A 183 -15.51 7.85 -35.74
CA ASP A 183 -14.08 7.75 -35.58
C ASP A 183 -13.54 8.40 -34.29
N THR A 184 -14.03 9.58 -33.99
CA THR A 184 -13.64 10.29 -32.80
C THR A 184 -14.20 9.65 -31.54
N VAL A 185 -15.37 9.06 -31.67
CA VAL A 185 -15.98 8.40 -30.55
C VAL A 185 -15.08 7.26 -30.23
N SER A 186 -14.72 6.51 -31.28
CA SER A 186 -13.89 5.34 -31.10
C SER A 186 -12.53 5.67 -30.51
N SER A 187 -11.94 6.77 -30.92
CA SER A 187 -10.59 7.03 -30.45
C SER A 187 -10.61 7.47 -28.97
N LYS A 188 -11.60 8.23 -28.58
CA LYS A 188 -11.69 8.75 -27.24
C LYS A 188 -11.95 7.58 -26.31
N LEU A 189 -12.89 6.71 -26.70
CA LEU A 189 -13.23 5.55 -25.88
C LEU A 189 -12.04 4.64 -25.73
N GLN A 190 -11.31 4.45 -26.82
CA GLN A 190 -10.13 3.63 -26.77
C GLN A 190 -9.14 4.14 -25.75
N ASN A 191 -9.06 5.44 -25.64
CA ASN A 191 -8.17 6.04 -24.67
C ASN A 191 -8.56 5.74 -23.21
N ASN A 192 -9.78 5.23 -23.05
CA ASN A 192 -10.33 4.86 -21.75
C ASN A 192 -10.59 3.36 -21.67
N ASN A 193 -9.87 2.63 -22.52
CA ASN A 193 -9.96 1.18 -22.57
C ASN A 193 -11.34 0.62 -22.88
N VAL A 194 -12.11 1.36 -23.67
CA VAL A 194 -13.33 0.90 -24.26
C VAL A 194 -13.03 0.68 -25.75
N TYR A 195 -12.98 -0.57 -26.18
CA TYR A 195 -12.52 -0.95 -27.54
C TYR A 195 -13.65 -1.10 -28.51
N THR A 196 -13.47 -0.57 -29.71
CA THR A 196 -14.41 -0.76 -30.79
C THR A 196 -14.02 -2.06 -31.52
N ILE A 197 -14.92 -3.05 -31.54
CA ILE A 197 -14.68 -4.39 -32.10
C ILE A 197 -15.07 -4.47 -33.57
N ALA A 198 -16.10 -3.74 -33.89
CA ALA A 198 -16.59 -3.66 -35.26
C ALA A 198 -17.41 -2.39 -35.45
N LYS A 199 -17.48 -1.92 -36.71
CA LYS A 199 -18.34 -0.83 -37.03
C LYS A 199 -19.22 -1.28 -38.21
N ARG A 200 -20.51 -0.98 -38.14
CA ARG A 200 -21.43 -1.32 -39.21
C ARG A 200 -22.02 -0.04 -39.74
N ASN A 201 -21.96 0.15 -41.05
CA ASN A 201 -22.64 1.29 -41.66
C ASN A 201 -23.92 0.68 -42.16
N VAL A 202 -25.04 1.24 -41.73
CA VAL A 202 -26.34 0.70 -42.10
C VAL A 202 -27.20 1.87 -42.52
N GLU A 203 -27.28 2.10 -43.82
CA GLU A 203 -28.06 3.21 -44.36
C GLU A 203 -27.73 4.53 -43.68
N GLY A 204 -26.46 4.89 -43.64
CA GLY A 204 -26.09 6.19 -43.11
C GLY A 204 -25.73 6.13 -41.63
N GLN A 205 -26.37 5.23 -40.91
CA GLN A 205 -26.15 5.07 -39.47
C GLN A 205 -24.84 4.35 -39.22
N ASP A 206 -24.14 4.75 -38.18
CA ASP A 206 -22.91 4.07 -37.79
C ASP A 206 -23.30 3.31 -36.54
N MET A 207 -22.91 2.04 -36.48
CA MET A 207 -23.24 1.20 -35.32
C MET A 207 -21.92 0.73 -34.85
N LEU A 208 -21.55 1.13 -33.65
CA LEU A 208 -20.24 0.76 -33.16
C LEU A 208 -20.45 -0.33 -32.08
N TYR A 209 -19.68 -1.39 -32.16
CA TYR A 209 -19.80 -2.52 -31.24
C TYR A 209 -18.52 -2.46 -30.44
N GLN A 210 -18.69 -2.42 -29.12
CA GLN A 210 -17.59 -2.12 -28.24
C GLN A 210 -17.61 -2.99 -27.03
N SER A 211 -16.42 -3.29 -26.56
CA SER A 211 -16.26 -4.02 -25.32
C SER A 211 -15.35 -3.36 -24.31
N LEU A 212 -15.58 -3.69 -23.04
CA LEU A 212 -14.72 -3.18 -21.99
C LEU A 212 -14.84 -4.21 -20.89
N LYS A 213 -13.87 -4.19 -19.99
CA LYS A 213 -13.81 -5.20 -18.93
C LYS A 213 -13.37 -4.53 -17.63
N LEU A 214 -14.11 -4.78 -16.56
CA LEU A 214 -13.78 -4.22 -15.28
C LEU A 214 -12.69 -5.00 -14.56
N THR A 215 -12.15 -4.36 -13.51
CA THR A 215 -11.13 -4.95 -12.68
C THR A 215 -11.62 -6.22 -12.02
N ASN A 216 -12.92 -6.34 -11.82
CA ASN A 216 -13.48 -7.57 -11.25
C ASN A 216 -13.79 -8.69 -12.26
N GLY A 217 -13.49 -8.45 -13.53
CA GLY A 217 -13.69 -9.44 -14.56
C GLY A 217 -15.00 -9.36 -15.35
N ILE A 218 -15.88 -8.46 -14.96
CA ILE A 218 -17.20 -8.36 -15.58
C ILE A 218 -17.03 -7.64 -16.93
N TRP A 219 -17.51 -8.30 -17.97
CA TRP A 219 -17.52 -7.68 -19.30
C TRP A 219 -18.73 -6.84 -19.50
N ILE A 220 -18.55 -5.73 -20.22
CA ILE A 220 -19.68 -4.94 -20.65
C ILE A 220 -19.50 -4.82 -22.21
N LEU A 221 -20.54 -5.22 -22.91
CA LEU A 221 -20.64 -5.08 -24.37
C LEU A 221 -21.53 -3.88 -24.69
N ALA A 222 -21.27 -3.21 -25.80
CA ALA A 222 -22.06 -2.02 -26.08
C ALA A 222 -22.27 -1.92 -27.58
N GLU A 223 -23.42 -1.36 -27.92
CA GLU A 223 -23.77 -0.98 -29.27
C GLU A 223 -24.11 0.50 -29.18
N LEU A 224 -23.32 1.31 -29.86
CA LEU A 224 -23.60 2.76 -29.97
C LEU A 224 -24.17 3.07 -31.35
N ARG A 225 -25.35 3.66 -31.39
CA ARG A 225 -26.00 3.93 -32.69
C ARG A 225 -25.92 5.41 -32.95
N ILE A 226 -25.25 5.77 -34.05
CA ILE A 226 -25.16 7.18 -34.44
C ILE A 226 -26.04 7.32 -35.69
N GLN A 227 -27.05 8.20 -35.61
CA GLN A 227 -27.93 8.48 -36.74
C GLN A 227 -27.77 9.92 -37.27
N PRO A 228 -27.99 10.06 -38.57
CA PRO A 228 -27.91 11.37 -39.21
C PRO A 228 -29.10 12.19 -38.75
N GLY A 229 -28.87 13.47 -38.48
CA GLY A 229 -29.91 14.35 -37.99
C GLY A 229 -30.33 14.19 -36.54
N ASN A 230 -29.84 13.15 -35.83
CA ASN A 230 -30.25 12.89 -34.46
C ASN A 230 -29.04 13.34 -33.64
N PRO A 231 -29.22 14.29 -32.73
CA PRO A 231 -28.09 14.82 -31.96
C PRO A 231 -27.82 13.92 -30.77
N ASN A 232 -28.62 12.87 -30.64
CA ASN A 232 -28.51 11.92 -29.54
C ASN A 232 -28.19 10.50 -29.98
N TYR A 233 -27.19 9.93 -29.34
CA TYR A 233 -26.78 8.59 -29.67
C TYR A 233 -27.45 7.60 -28.74
N THR A 234 -27.79 6.45 -29.26
CA THR A 234 -28.33 5.42 -28.42
C THR A 234 -27.23 4.45 -28.04
N LEU A 235 -27.03 4.31 -26.74
CA LEU A 235 -26.05 3.40 -26.20
C LEU A 235 -26.80 2.24 -25.62
N SER A 236 -26.52 1.07 -26.13
CA SER A 236 -27.18 -0.12 -25.67
C SER A 236 -26.10 -0.97 -25.00
N LEU A 237 -26.35 -1.35 -23.75
CA LEU A 237 -25.34 -2.09 -22.99
C LEU A 237 -25.85 -3.44 -22.55
N LYS A 238 -25.03 -4.46 -22.71
CA LYS A 238 -25.36 -5.78 -22.26
C LYS A 238 -24.26 -6.22 -21.29
N CYS A 239 -24.69 -6.72 -20.14
CA CYS A 239 -23.77 -7.11 -19.08
C CYS A 239 -24.45 -8.26 -18.24
N ARG A 240 -23.68 -9.24 -17.76
CA ARG A 240 -24.30 -10.31 -16.94
C ARG A 240 -24.70 -9.73 -15.60
N ALA A 241 -24.19 -8.53 -15.30
CA ALA A 241 -24.53 -7.82 -14.08
C ALA A 241 -25.04 -6.44 -14.45
N PRO A 242 -26.29 -6.40 -14.87
CA PRO A 242 -26.88 -5.21 -15.44
C PRO A 242 -26.96 -4.02 -14.55
N GLU A 243 -26.94 -4.24 -13.24
CA GLU A 243 -26.90 -3.12 -12.33
C GLU A 243 -25.72 -2.15 -12.60
N VAL A 244 -24.63 -2.66 -13.18
CA VAL A 244 -23.46 -1.88 -13.49
C VAL A 244 -23.67 -0.86 -14.65
N SER A 245 -24.55 -1.24 -15.56
CA SER A 245 -24.77 -0.51 -16.82
C SER A 245 -24.97 0.98 -16.72
N GLN A 246 -25.85 1.41 -15.80
CA GLN A 246 -26.13 2.81 -15.54
C GLN A 246 -24.80 3.55 -15.31
N TYR A 247 -23.88 2.92 -14.59
CA TYR A 247 -22.65 3.57 -14.25
C TYR A 247 -21.63 3.69 -15.41
N ILE A 248 -21.68 2.74 -16.33
CA ILE A 248 -20.84 2.74 -17.53
C ILE A 248 -21.34 3.85 -18.42
N TYR A 249 -22.65 3.93 -18.52
CA TYR A 249 -23.27 4.99 -19.29
C TYR A 249 -22.79 6.32 -18.78
N GLN A 250 -22.81 6.51 -17.46
CA GLN A 250 -22.44 7.80 -16.91
C GLN A 250 -21.07 8.27 -17.30
N VAL A 251 -20.09 7.38 -17.20
CA VAL A 251 -18.75 7.77 -17.51
C VAL A 251 -18.56 7.75 -19.04
N TYR A 252 -19.34 6.96 -19.76
CA TYR A 252 -19.23 6.90 -21.23
C TYR A 252 -19.61 8.32 -21.68
N ASP A 253 -20.73 8.80 -21.14
CA ASP A 253 -21.22 10.15 -21.39
C ASP A 253 -20.15 11.21 -21.06
N SER A 254 -19.55 11.10 -19.88
CA SER A 254 -18.50 12.03 -19.48
C SER A 254 -17.33 12.02 -20.43
N ILE A 255 -16.93 10.84 -20.89
CA ILE A 255 -15.75 10.77 -21.75
C ILE A 255 -16.06 11.48 -23.08
N LEU A 256 -17.29 11.33 -23.56
CA LEU A 256 -17.64 11.89 -24.86
C LEU A 256 -17.82 13.39 -24.75
N LYS A 257 -18.24 13.87 -23.58
CA LYS A 257 -18.48 15.29 -23.37
C LYS A 257 -17.30 16.05 -22.86
N ASN A 258 -16.15 15.40 -22.76
CA ASN A 258 -15.00 16.08 -22.20
C ASN A 258 -13.78 15.79 -23.04
N GLY B 26 17.78 6.55 5.38
CA GLY B 26 17.03 5.57 6.21
C GLY B 26 17.96 4.68 7.02
N GLY B 27 17.37 3.79 7.81
CA GLY B 27 18.08 2.76 8.53
C GLY B 27 18.59 1.55 7.82
N TYR B 28 19.08 0.64 8.64
CA TYR B 28 19.71 -0.56 8.18
C TYR B 28 18.71 -1.52 7.59
N VAL B 29 19.04 -1.99 6.40
CA VAL B 29 18.27 -3.01 5.71
C VAL B 29 19.15 -4.15 5.33
N ALA B 30 18.86 -5.32 5.86
CA ALA B 30 19.65 -6.49 5.54
C ALA B 30 19.43 -6.89 4.08
N PRO B 31 20.47 -7.34 3.43
CA PRO B 31 20.27 -7.84 2.07
C PRO B 31 19.20 -8.94 2.06
N LYS B 32 18.51 -9.08 0.94
CA LYS B 32 17.53 -10.17 0.84
C LYS B 32 18.17 -11.56 1.09
N ALA B 33 17.44 -12.46 1.71
CA ALA B 33 17.92 -13.83 1.89
C ALA B 33 16.87 -14.78 1.29
N VAL B 34 17.26 -15.96 0.80
CA VAL B 34 16.25 -16.88 0.28
C VAL B 34 15.45 -17.35 1.47
N TRP B 35 14.16 -17.07 1.45
CA TRP B 35 13.28 -17.56 2.49
C TRP B 35 12.56 -18.86 2.13
N LEU B 36 12.31 -19.02 0.85
CA LEU B 36 11.63 -20.21 0.33
C LEU B 36 12.34 -20.63 -0.96
N PRO B 37 13.06 -21.74 -0.92
CA PRO B 37 13.80 -22.18 -2.11
C PRO B 37 12.89 -22.86 -3.11
N ALA B 38 13.08 -22.59 -4.40
CA ALA B 38 12.24 -23.13 -5.47
C ALA B 38 11.94 -24.62 -5.38
N VAL B 39 12.96 -25.41 -5.09
CA VAL B 39 12.78 -26.84 -5.05
C VAL B 39 11.90 -27.29 -3.89
N LYS B 40 11.79 -26.47 -2.86
CA LYS B 40 10.94 -26.81 -1.72
C LYS B 40 9.48 -26.40 -1.95
N ALA B 41 9.26 -25.59 -2.96
CA ALA B 41 7.91 -25.04 -3.18
C ALA B 41 7.44 -25.18 -4.62
N LYS B 42 7.74 -26.30 -5.25
CA LYS B 42 7.27 -26.53 -6.61
C LYS B 42 7.54 -25.38 -7.58
N GLY B 43 8.74 -24.85 -7.50
CA GLY B 43 9.24 -23.84 -8.40
C GLY B 43 9.16 -22.42 -7.88
N LEU B 44 8.44 -22.22 -6.78
CA LEU B 44 8.34 -20.86 -6.18
C LEU B 44 9.54 -20.54 -5.35
N GLU B 45 10.26 -19.49 -5.76
CA GLU B 45 11.42 -18.98 -5.02
C GLU B 45 11.14 -17.60 -4.42
N ILE B 46 11.20 -17.54 -3.11
CA ILE B 46 11.07 -16.26 -2.40
C ILE B 46 12.34 -15.85 -1.61
N SER B 47 12.80 -14.63 -1.89
CA SER B 47 13.83 -13.93 -1.14
C SER B 47 13.23 -12.69 -0.54
N GLY B 48 13.74 -12.30 0.60
CA GLY B 48 13.15 -11.16 1.28
C GLY B 48 14.00 -10.54 2.35
N THR B 49 13.56 -9.35 2.74
CA THR B 49 14.11 -8.60 3.81
C THR B 49 12.98 -7.75 4.36
N PHE B 50 13.29 -6.99 5.41
CA PHE B 50 12.34 -6.08 6.03
C PHE B 50 12.91 -4.70 6.03
N THR B 51 12.05 -3.72 5.85
CA THR B 51 12.49 -2.34 5.91
C THR B 51 11.57 -1.49 6.78
N HIS B 52 12.07 -0.33 7.18
CA HIS B 52 11.27 0.65 7.84
C HIS B 52 11.49 1.91 7.06
N ARG B 53 10.43 2.48 6.53
CA ARG B 53 10.55 3.70 5.74
C ARG B 53 9.46 4.64 6.18
N GLN B 54 9.87 5.81 6.65
CA GLN B 54 8.92 6.89 6.99
C GLN B 54 7.76 6.46 7.86
N GLY B 55 8.07 5.78 8.94
CA GLY B 55 7.11 5.37 9.92
C GLY B 55 6.35 4.13 9.54
N HIS B 56 6.75 3.47 8.48
CA HIS B 56 6.11 2.24 8.04
C HIS B 56 7.05 1.10 7.78
N ILE B 57 6.54 -0.08 8.10
CA ILE B 57 7.27 -1.30 7.95
C ILE B 57 6.89 -2.04 6.69
N TYR B 58 7.86 -2.64 5.99
CA TYR B 58 7.59 -3.37 4.76
C TYR B 58 8.37 -4.66 4.72
N MET B 59 7.73 -5.65 4.14
CA MET B 59 8.34 -6.89 3.85
C MET B 59 8.60 -6.82 2.34
N GLU B 60 9.89 -6.74 2.01
CA GLU B 60 10.32 -6.57 0.63
C GLU B 60 10.82 -7.90 0.09
N MET B 61 10.09 -8.42 -0.91
CA MET B 61 10.35 -9.72 -1.44
C MET B 61 10.59 -9.70 -2.95
N ASN B 62 11.17 -10.80 -3.41
CA ASN B 62 11.35 -11.09 -4.81
C ASN B 62 10.82 -12.48 -4.95
N PHE B 63 9.85 -12.62 -5.87
CA PHE B 63 9.23 -13.90 -6.21
C PHE B 63 9.72 -14.26 -7.63
N THR B 64 10.22 -15.47 -7.77
CA THR B 64 10.69 -15.96 -9.07
C THR B 64 9.94 -17.28 -9.28
N ASN B 65 9.40 -17.46 -10.48
CA ASN B 65 8.73 -18.69 -10.91
C ASN B 65 9.76 -19.58 -11.64
N LYS B 66 10.24 -20.62 -10.99
CA LYS B 66 11.22 -21.47 -11.65
C LYS B 66 10.51 -22.73 -12.06
N ALA B 67 9.17 -22.70 -12.14
CA ALA B 67 8.36 -23.85 -12.51
C ALA B 67 8.05 -23.73 -14.00
N LEU B 68 7.39 -24.71 -14.56
CA LEU B 68 6.99 -24.64 -15.96
C LEU B 68 5.50 -24.32 -16.07
N GLN B 69 4.87 -23.88 -14.97
CA GLN B 69 3.45 -23.55 -15.00
C GLN B 69 3.32 -22.05 -14.71
N HIS B 70 2.30 -21.39 -15.22
CA HIS B 70 2.19 -20.02 -14.81
C HIS B 70 1.55 -20.00 -13.38
N MET B 71 2.01 -19.07 -12.56
CA MET B 71 1.57 -18.92 -11.21
C MET B 71 0.65 -17.71 -11.06
N THR B 72 -0.48 -17.96 -10.40
CA THR B 72 -1.52 -16.99 -10.10
C THR B 72 -2.04 -17.21 -8.67
N ASP B 73 -3.06 -16.43 -8.30
CA ASP B 73 -3.73 -16.57 -7.02
C ASP B 73 -2.80 -16.59 -5.79
N PHE B 74 -1.88 -15.64 -5.78
CA PHE B 74 -0.96 -15.49 -4.68
C PHE B 74 -1.69 -14.91 -3.47
N ALA B 75 -1.39 -15.44 -2.31
CA ALA B 75 -1.88 -14.86 -1.05
C ALA B 75 -0.87 -15.18 0.04
N ILE B 76 -0.91 -14.42 1.09
CA ILE B 76 0.05 -14.62 2.17
C ILE B 76 -0.59 -14.38 3.52
N GLN B 77 -0.12 -15.10 4.52
CA GLN B 77 -0.50 -14.78 5.88
C GLN B 77 0.61 -15.14 6.82
N PHE B 78 0.56 -14.59 8.03
CA PHE B 78 1.56 -14.88 9.08
C PHE B 78 0.91 -15.54 10.26
N ASN B 79 1.69 -16.28 11.03
CA ASN B 79 1.16 -16.68 12.33
C ASN B 79 0.97 -15.47 13.27
N LYS B 80 0.27 -15.65 14.37
CA LYS B 80 0.24 -14.66 15.41
C LYS B 80 1.67 -14.64 15.94
N ASN B 81 2.15 -13.47 16.31
CA ASN B 81 3.57 -13.29 16.62
C ASN B 81 3.83 -12.18 17.66
N SER B 82 5.08 -12.10 18.11
CA SER B 82 5.36 -11.38 19.34
C SER B 82 4.97 -9.90 19.32
N PHE B 83 5.17 -9.27 18.16
CA PHE B 83 5.04 -7.83 18.01
C PHE B 83 3.82 -7.53 17.23
N GLY B 84 2.96 -8.58 17.03
CA GLY B 84 1.69 -8.33 16.36
C GLY B 84 1.75 -7.90 14.90
N VAL B 85 2.83 -8.37 14.23
CA VAL B 85 3.05 -8.09 12.87
C VAL B 85 2.07 -8.82 11.94
N ILE B 86 1.54 -8.09 10.96
CA ILE B 86 0.54 -8.63 10.06
C ILE B 86 0.54 -7.81 8.77
N PRO B 87 0.21 -8.39 7.64
CA PRO B 87 0.14 -7.57 6.42
C PRO B 87 -0.96 -6.54 6.53
N SER B 88 -0.68 -5.38 6.00
CA SER B 88 -1.64 -4.27 5.99
C SER B 88 -2.61 -4.38 4.82
N THR B 89 -2.23 -5.11 3.78
CA THR B 89 -2.97 -5.23 2.53
C THR B 89 -2.74 -6.59 1.90
N PRO B 90 -3.57 -7.00 0.98
CA PRO B 90 -3.29 -8.22 0.20
C PRO B 90 -1.98 -8.09 -0.58
N LEU B 91 -1.35 -9.23 -0.85
CA LEU B 91 -0.17 -9.27 -1.69
C LEU B 91 -0.56 -8.79 -3.07
N ALA B 92 0.16 -7.81 -3.57
CA ALA B 92 -0.22 -7.16 -4.81
C ALA B 92 0.57 -7.68 -5.97
N ILE B 93 0.04 -8.69 -6.60
CA ILE B 93 0.64 -9.34 -7.74
C ILE B 93 -0.57 -9.38 -8.64
N HIS B 94 -0.51 -8.73 -9.77
CA HIS B 94 -1.73 -8.51 -10.53
C HIS B 94 -1.85 -9.31 -11.80
N THR B 95 -0.76 -9.95 -12.23
CA THR B 95 -0.79 -10.66 -13.48
C THR B 95 -0.17 -12.00 -13.16
N PRO B 96 -0.32 -12.98 -14.05
CA PRO B 96 0.28 -14.28 -13.79
C PRO B 96 1.78 -14.16 -13.85
N LEU B 97 2.48 -14.79 -12.92
CA LEU B 97 3.92 -14.81 -12.90
C LEU B 97 4.32 -15.97 -13.80
N MET B 98 4.98 -15.67 -14.91
CA MET B 98 5.27 -16.73 -15.87
C MET B 98 6.54 -17.42 -15.56
N PRO B 99 6.72 -18.57 -16.18
CA PRO B 99 7.94 -19.32 -16.03
C PRO B 99 9.10 -18.41 -16.35
N ASN B 100 10.10 -18.41 -15.46
CA ASN B 100 11.33 -17.57 -15.53
C ASN B 100 11.21 -16.10 -15.10
N GLN B 101 9.98 -15.65 -14.83
CA GLN B 101 9.78 -14.28 -14.41
C GLN B 101 10.14 -14.11 -12.96
N SER B 102 10.50 -12.90 -12.61
CA SER B 102 10.88 -12.60 -11.24
C SER B 102 10.33 -11.24 -11.00
N ILE B 103 9.67 -11.06 -9.87
CA ILE B 103 9.13 -9.76 -9.57
C ILE B 103 9.42 -9.37 -8.15
N ASP B 104 9.64 -8.07 -7.95
CA ASP B 104 9.88 -7.57 -6.63
C ASP B 104 8.55 -7.19 -6.11
N VAL B 105 8.26 -7.57 -4.88
CA VAL B 105 6.98 -7.25 -4.33
C VAL B 105 7.22 -6.59 -2.98
N SER B 106 6.49 -5.53 -2.73
CA SER B 106 6.62 -4.83 -1.47
C SER B 106 5.32 -5.04 -0.72
N LEU B 107 5.41 -5.58 0.49
CA LEU B 107 4.21 -5.84 1.29
C LEU B 107 4.19 -4.99 2.54
N PRO B 108 3.32 -3.98 2.60
CA PRO B 108 3.20 -3.17 3.80
C PRO B 108 2.65 -4.00 4.96
N LEU B 109 3.32 -3.84 6.10
CA LEU B 109 2.98 -4.48 7.36
C LEU B 109 2.56 -3.45 8.42
N ASN B 110 1.83 -3.89 9.45
CA ASN B 110 1.61 -3.06 10.61
C ASN B 110 1.75 -3.96 11.84
N THR B 111 1.66 -3.40 13.02
CA THR B 111 1.85 -4.11 14.28
C THR B 111 0.61 -4.11 15.13
N LEU B 112 -0.55 -4.07 14.48
CA LEU B 112 -1.81 -4.09 15.21
C LEU B 112 -2.50 -5.46 15.13
N GLY B 113 -1.75 -6.48 14.77
CA GLY B 113 -2.32 -7.81 14.62
C GLY B 113 -2.29 -8.57 15.92
N PRO B 114 -2.80 -9.81 15.86
CA PRO B 114 -2.82 -10.65 17.02
C PRO B 114 -1.41 -10.89 17.50
N VAL B 115 -1.31 -10.93 18.80
CA VAL B 115 -0.04 -11.16 19.48
C VAL B 115 0.00 -12.51 20.18
N MET B 116 1.07 -13.25 19.91
CA MET B 116 1.40 -14.44 20.62
C MET B 116 2.91 -14.44 20.74
N LYS B 117 3.40 -14.66 21.95
CA LYS B 117 4.86 -14.64 22.20
C LYS B 117 5.51 -15.87 21.60
N MET B 118 6.46 -15.64 20.70
CA MET B 118 7.14 -16.67 20.01
C MET B 118 8.58 -16.81 20.50
N GLU B 119 9.16 -17.93 20.13
CA GLU B 119 10.59 -18.18 20.42
C GLU B 119 11.23 -18.70 19.18
N PRO B 120 12.28 -18.08 18.64
CA PRO B 120 12.86 -16.82 19.13
C PRO B 120 11.84 -15.71 19.08
N LEU B 121 12.04 -14.69 19.90
CA LEU B 121 11.06 -13.63 20.01
C LEU B 121 10.70 -12.99 18.66
N ASN B 122 11.65 -12.85 17.73
CA ASN B 122 11.46 -12.19 16.46
C ASN B 122 11.19 -13.12 15.27
N ASN B 123 10.84 -14.36 15.53
CA ASN B 123 10.57 -15.31 14.51
C ASN B 123 9.16 -15.08 13.98
N LEU B 124 9.07 -15.11 12.66
CA LEU B 124 7.80 -14.95 11.97
C LEU B 124 7.55 -16.20 11.11
N GLN B 125 6.41 -16.81 11.28
CA GLN B 125 6.03 -17.88 10.38
C GLN B 125 5.09 -17.35 9.31
N VAL B 126 5.34 -17.80 8.09
CA VAL B 126 4.67 -17.32 6.91
C VAL B 126 4.10 -18.47 6.08
N ALA B 127 2.92 -18.23 5.52
CA ALA B 127 2.29 -19.13 4.58
C ALA B 127 2.09 -18.29 3.32
N VAL B 128 2.63 -18.80 2.21
CA VAL B 128 2.40 -18.21 0.91
C VAL B 128 1.68 -19.24 0.00
N LYS B 129 0.59 -18.85 -0.66
CA LYS B 129 -0.17 -19.74 -1.56
C LYS B 129 -0.04 -19.21 -2.95
N ASN B 130 -0.26 -20.10 -3.95
CA ASN B 130 -0.45 -19.70 -5.34
C ASN B 130 -1.53 -20.66 -5.81
N ASN B 131 -1.70 -20.88 -7.12
CA ASN B 131 -2.72 -21.83 -7.60
C ASN B 131 -2.26 -23.28 -7.54
N ILE B 132 -1.00 -23.50 -7.22
CA ILE B 132 -0.41 -24.85 -7.20
C ILE B 132 -0.53 -25.45 -5.82
N ASP B 133 -0.13 -24.68 -4.81
CA ASP B 133 -0.15 -25.16 -3.45
C ASP B 133 0.05 -24.01 -2.46
N VAL B 134 0.07 -24.35 -1.18
CA VAL B 134 0.38 -23.43 -0.11
C VAL B 134 1.70 -23.88 0.44
N PHE B 135 2.61 -22.94 0.66
CA PHE B 135 3.94 -23.21 1.15
C PHE B 135 4.20 -22.47 2.48
N TYR B 136 5.09 -23.01 3.29
CA TYR B 136 5.35 -22.48 4.59
C TYR B 136 6.81 -22.25 4.80
N PHE B 137 7.12 -21.16 5.47
CA PHE B 137 8.48 -20.82 5.79
C PHE B 137 8.55 -19.85 6.96
N SER B 138 9.74 -19.68 7.52
CA SER B 138 9.96 -18.77 8.67
C SER B 138 11.04 -17.82 8.37
N CYS B 139 11.02 -16.68 9.03
CA CYS B 139 12.06 -15.68 8.85
C CYS B 139 12.16 -14.81 10.09
N LEU B 140 13.32 -14.21 10.33
CA LEU B 140 13.55 -13.47 11.52
C LEU B 140 13.40 -11.99 11.29
N ILE B 141 12.54 -11.35 12.05
CA ILE B 141 12.38 -9.91 11.90
C ILE B 141 13.48 -9.18 12.61
N PRO B 142 14.32 -8.42 11.92
CA PRO B 142 15.33 -7.66 12.66
C PRO B 142 14.58 -6.56 13.43
N LEU B 143 14.84 -6.40 14.72
CA LEU B 143 13.99 -5.50 15.51
C LEU B 143 14.05 -4.05 15.18
N ASN B 144 15.05 -3.60 14.45
CA ASN B 144 15.16 -2.17 14.19
C ASN B 144 14.01 -1.59 13.38
N VAL B 145 13.37 -2.43 12.57
CA VAL B 145 12.22 -1.99 11.78
C VAL B 145 11.03 -1.70 12.71
N LEU B 146 11.12 -2.15 13.96
CA LEU B 146 10.11 -1.86 14.98
C LEU B 146 10.46 -0.71 15.93
N PHE B 147 11.58 -0.03 15.68
CA PHE B 147 11.95 1.09 16.48
C PHE B 147 11.25 2.34 15.96
N VAL B 148 10.43 2.90 16.81
CA VAL B 148 9.60 3.99 16.38
C VAL B 148 10.29 5.37 16.41
N GLU B 149 9.70 6.30 15.72
CA GLU B 149 10.25 7.65 15.67
C GLU B 149 10.29 8.35 17.03
N ASP B 150 9.24 8.20 17.82
CA ASP B 150 9.14 8.88 19.07
C ASP B 150 9.82 8.07 20.17
N GLY B 151 11.13 7.87 20.02
CA GLY B 151 11.86 7.07 20.98
C GLY B 151 13.01 7.79 21.68
N LYS B 152 12.95 9.13 21.71
CA LYS B 152 14.00 9.96 22.30
C LYS B 152 13.51 10.43 23.66
N MET B 153 14.08 9.83 24.69
CA MET B 153 13.71 10.15 26.05
C MET B 153 14.43 11.41 26.54
N GLU B 154 13.70 12.27 27.26
CA GLU B 154 14.27 13.46 27.88
C GLU B 154 15.31 13.00 28.88
N ARG B 155 16.32 13.81 29.12
CA ARG B 155 17.39 13.36 29.97
C ARG B 155 16.97 13.02 31.37
N GLN B 156 16.24 13.91 32.02
CA GLN B 156 15.75 13.67 33.36
C GLN B 156 14.98 12.35 33.47
N VAL B 157 14.09 12.18 32.51
CA VAL B 157 13.27 10.95 32.38
C VAL B 157 14.11 9.68 32.18
N PHE B 158 15.13 9.75 31.35
CA PHE B 158 16.08 8.64 31.23
C PHE B 158 16.73 8.18 32.49
N LEU B 159 17.25 9.12 33.28
CA LEU B 159 17.91 8.80 34.49
C LEU B 159 16.91 8.20 35.44
N ALA B 160 15.72 8.79 35.49
CA ALA B 160 14.69 8.29 36.40
C ALA B 160 14.22 6.92 35.94
N THR B 161 14.06 6.75 34.63
CA THR B 161 13.61 5.44 34.16
C THR B 161 14.71 4.40 34.39
N TRP B 162 15.95 4.73 34.04
CA TRP B 162 17.04 3.81 34.31
C TRP B 162 17.03 3.35 35.75
N LYS B 163 16.86 4.29 36.69
CA LYS B 163 16.86 3.95 38.12
C LYS B 163 15.59 3.20 38.55
N ASP B 164 14.50 3.44 37.85
CA ASP B 164 13.25 2.73 38.18
C ASP B 164 13.33 1.24 37.78
N ILE B 165 13.91 0.95 36.62
CA ILE B 165 14.02 -0.42 36.14
C ILE B 165 14.94 -1.24 37.04
N PRO B 166 14.47 -2.43 37.45
CA PRO B 166 15.25 -3.31 38.32
C PRO B 166 16.67 -3.53 37.83
N ASN B 167 17.60 -3.48 38.77
CA ASN B 167 19.00 -3.59 38.40
C ASN B 167 19.28 -4.94 37.77
N GLU B 168 18.52 -5.97 38.17
CA GLU B 168 18.69 -7.31 37.62
C GLU B 168 18.20 -7.42 36.17
N ASN B 169 17.56 -6.37 35.67
CA ASN B 169 17.13 -6.39 34.28
C ASN B 169 18.25 -5.89 33.37
N GLU B 170 19.28 -5.24 33.92
CA GLU B 170 20.38 -4.79 33.07
C GLU B 170 21.18 -5.98 32.49
N LEU B 171 21.37 -5.98 31.19
CA LEU B 171 22.13 -7.01 30.51
C LEU B 171 23.23 -6.40 29.67
N GLN B 172 24.38 -7.07 29.67
CA GLN B 172 25.56 -6.60 28.95
C GLN B 172 25.93 -7.45 27.74
N PHE B 173 26.37 -6.76 26.69
CA PHE B 173 26.73 -7.39 25.44
C PHE B 173 27.99 -6.74 24.93
N GLN B 174 28.74 -7.52 24.16
CA GLN B 174 29.95 -7.05 23.52
C GLN B 174 29.72 -6.88 22.02
N ILE B 175 29.95 -5.66 21.54
CA ILE B 175 29.96 -5.37 20.12
C ILE B 175 31.43 -5.53 19.72
N LYS B 176 31.69 -6.59 18.99
CA LYS B 176 33.06 -7.06 18.77
C LYS B 176 33.68 -6.41 17.58
N GLU B 177 34.92 -5.99 17.80
CA GLU B 177 35.70 -5.45 16.74
C GLU B 177 35.07 -4.20 16.21
N CYS B 178 34.93 -3.18 17.02
CA CYS B 178 34.29 -2.01 16.45
C CYS B 178 35.27 -0.87 16.61
N HIS B 179 35.33 0.01 15.62
CA HIS B 179 36.35 1.07 15.63
C HIS B 179 35.81 2.43 15.21
N LEU B 180 34.50 2.61 15.25
CA LEU B 180 33.93 3.89 14.89
C LEU B 180 33.99 4.76 16.11
N ASN B 181 34.10 6.05 15.84
CA ASN B 181 34.14 7.06 16.86
C ASN B 181 32.73 7.23 17.43
N ALA B 182 32.63 7.79 18.63
CA ALA B 182 31.34 7.95 19.27
C ALA B 182 30.35 8.74 18.40
N ASP B 183 30.84 9.73 17.67
CA ASP B 183 29.95 10.55 16.85
C ASP B 183 29.33 9.76 15.72
N THR B 184 30.13 8.89 15.12
CA THR B 184 29.68 8.07 14.02
C THR B 184 28.69 7.01 14.51
N VAL B 185 29.00 6.42 15.66
CA VAL B 185 28.11 5.45 16.28
C VAL B 185 26.76 6.13 16.49
N SER B 186 26.78 7.33 17.07
CA SER B 186 25.57 8.09 17.36
C SER B 186 24.77 8.42 16.07
N SER B 187 25.45 8.80 14.99
CA SER B 187 24.76 9.09 13.74
C SER B 187 24.12 7.86 13.08
N LYS B 188 24.83 6.75 13.04
CA LYS B 188 24.29 5.55 12.40
C LYS B 188 23.06 5.09 13.20
N LEU B 189 23.17 5.17 14.52
CA LEU B 189 22.10 4.71 15.42
C LEU B 189 20.86 5.61 15.26
N GLN B 190 21.08 6.91 15.16
CA GLN B 190 19.99 7.85 14.98
C GLN B 190 19.25 7.57 13.69
N ASN B 191 19.97 7.07 12.69
CA ASN B 191 19.37 6.72 11.43
C ASN B 191 18.41 5.55 11.61
N ASN B 192 18.49 4.88 12.75
CA ASN B 192 17.70 3.68 13.04
C ASN B 192 16.75 3.92 14.23
N ASN B 193 16.53 5.21 14.55
CA ASN B 193 15.69 5.62 15.64
C ASN B 193 16.18 5.15 17.01
N VAL B 194 17.51 5.12 17.19
CA VAL B 194 18.13 4.86 18.45
C VAL B 194 18.82 6.19 18.78
N TYR B 195 18.38 6.81 19.86
CA TYR B 195 18.69 8.22 20.11
C TYR B 195 19.71 8.37 21.20
N THR B 196 20.73 9.16 20.92
CA THR B 196 21.72 9.46 21.97
C THR B 196 21.25 10.62 22.84
N ILE B 197 21.06 10.35 24.12
CA ILE B 197 20.52 11.27 25.12
C ILE B 197 21.59 12.11 25.83
N ALA B 198 22.70 11.48 26.09
CA ALA B 198 23.82 12.15 26.74
C ALA B 198 25.08 11.42 26.36
N LYS B 199 26.19 12.15 26.34
CA LYS B 199 27.47 11.57 26.05
C LYS B 199 28.38 12.00 27.16
N ARG B 200 29.02 11.05 27.80
CA ARG B 200 29.87 11.37 28.89
C ARG B 200 31.30 10.95 28.52
N ASN B 201 32.25 11.86 28.77
CA ASN B 201 33.68 11.58 28.64
C ASN B 201 34.28 11.28 30.02
N VAL B 202 34.93 10.13 30.16
CA VAL B 202 35.50 9.65 31.41
C VAL B 202 36.85 8.97 31.09
N GLU B 203 37.91 9.71 31.43
CA GLU B 203 39.27 9.22 31.20
C GLU B 203 39.52 8.68 29.82
N GLY B 204 39.10 9.48 28.85
CA GLY B 204 39.28 9.10 27.47
C GLY B 204 38.17 8.18 26.97
N GLN B 205 37.38 7.63 27.88
CA GLN B 205 36.28 6.71 27.51
C GLN B 205 35.08 7.53 27.06
N ASP B 206 34.35 7.06 26.06
CA ASP B 206 33.13 7.75 25.67
C ASP B 206 31.98 6.86 26.12
N MET B 207 31.07 7.39 26.93
CA MET B 207 29.92 6.63 27.38
C MET B 207 28.74 7.30 26.74
N LEU B 208 28.08 6.60 25.81
CA LEU B 208 26.91 7.19 25.18
C LEU B 208 25.66 6.61 25.84
N TYR B 209 24.67 7.48 26.09
CA TYR B 209 23.42 7.07 26.74
C TYR B 209 22.35 7.22 25.70
N GLN B 210 21.70 6.09 25.41
CA GLN B 210 20.73 6.07 24.35
C GLN B 210 19.40 5.38 24.66
N SER B 211 18.38 5.85 23.97
CA SER B 211 17.02 5.35 24.11
C SER B 211 16.38 5.01 22.76
N LEU B 212 15.53 4.01 22.80
CA LEU B 212 14.77 3.60 21.63
C LEU B 212 13.46 3.06 22.22
N LYS B 213 12.43 2.99 21.38
CA LYS B 213 11.12 2.49 21.80
C LYS B 213 10.49 1.63 20.67
N LEU B 214 9.91 0.50 21.04
CA LEU B 214 9.31 -0.39 20.11
C LEU B 214 7.85 -0.10 19.83
N THR B 215 7.37 -0.61 18.70
CA THR B 215 6.00 -0.44 18.24
C THR B 215 4.97 -0.87 19.27
N ASN B 216 5.38 -1.74 20.17
CA ASN B 216 4.47 -2.20 21.24
C ASN B 216 4.57 -1.34 22.53
N GLY B 217 5.34 -0.26 22.48
CA GLY B 217 5.50 0.61 23.61
C GLY B 217 6.67 0.41 24.55
N ILE B 218 7.45 -0.64 24.35
CA ILE B 218 8.48 -1.03 25.28
C ILE B 218 9.68 -0.15 25.04
N TRP B 219 10.16 0.48 26.11
CA TRP B 219 11.36 1.31 25.99
C TRP B 219 12.60 0.48 26.22
N ILE B 220 13.67 0.71 25.47
CA ILE B 220 14.95 0.08 25.80
C ILE B 220 15.95 1.25 26.00
N LEU B 221 16.64 1.22 27.13
CA LEU B 221 17.63 2.27 27.47
C LEU B 221 19.00 1.61 27.33
N ALA B 222 19.98 2.36 26.81
CA ALA B 222 21.27 1.78 26.55
C ALA B 222 22.42 2.65 27.06
N GLU B 223 23.49 1.98 27.44
CA GLU B 223 24.77 2.66 27.73
C GLU B 223 25.80 1.90 26.88
N LEU B 224 26.47 2.60 26.01
CA LEU B 224 27.52 1.98 25.21
C LEU B 224 28.85 2.51 25.71
N ARG B 225 29.78 1.65 26.07
CA ARG B 225 31.11 2.14 26.54
C ARG B 225 32.11 1.95 25.43
N ILE B 226 32.83 3.00 25.07
CA ILE B 226 33.88 2.86 24.09
C ILE B 226 35.15 3.17 24.86
N GLN B 227 36.12 2.26 24.85
CA GLN B 227 37.38 2.46 25.55
C GLN B 227 38.57 2.62 24.60
N PRO B 228 39.55 3.43 25.00
CA PRO B 228 40.73 3.65 24.15
C PRO B 228 41.55 2.38 24.24
N GLY B 229 42.01 1.85 23.12
CA GLY B 229 42.81 0.65 23.19
C GLY B 229 42.00 -0.64 23.25
N ASN B 230 40.69 -0.53 23.51
CA ASN B 230 39.79 -1.69 23.48
C ASN B 230 39.03 -1.67 22.17
N PRO B 231 39.10 -2.77 21.43
CA PRO B 231 38.45 -2.89 20.13
C PRO B 231 36.98 -3.30 20.22
N ASN B 232 36.53 -3.67 21.42
CA ASN B 232 35.13 -4.00 21.67
C ASN B 232 34.41 -2.95 22.49
N TYR B 233 33.13 -2.71 22.19
CA TYR B 233 32.32 -1.76 22.95
C TYR B 233 31.40 -2.59 23.79
N THR B 234 31.17 -2.15 25.01
CA THR B 234 30.24 -2.82 25.91
C THR B 234 28.90 -2.10 25.82
N LEU B 235 27.86 -2.85 25.44
CA LEU B 235 26.52 -2.32 25.36
C LEU B 235 25.72 -2.87 26.51
N SER B 236 25.24 -1.97 27.36
CA SER B 236 24.46 -2.31 28.50
C SER B 236 23.02 -1.88 28.25
N LEU B 237 22.08 -2.82 28.34
CA LEU B 237 20.68 -2.49 28.04
C LEU B 237 19.81 -2.75 29.25
N LYS B 238 18.89 -1.81 29.51
CA LYS B 238 17.94 -1.97 30.58
C LYS B 238 16.59 -1.87 29.92
N CYS B 239 15.75 -2.83 30.24
CA CYS B 239 14.42 -2.94 29.68
C CYS B 239 13.53 -3.61 30.75
N ARG B 240 12.27 -3.17 30.79
CA ARG B 240 11.31 -3.79 31.69
C ARG B 240 10.94 -5.19 31.19
N ALA B 241 11.27 -5.50 29.94
CA ALA B 241 11.05 -6.81 29.34
C ALA B 241 12.41 -7.22 28.76
N PRO B 242 13.26 -7.68 29.65
CA PRO B 242 14.67 -7.95 29.35
C PRO B 242 14.90 -9.01 28.32
N GLU B 243 13.93 -9.90 28.12
CA GLU B 243 14.04 -10.90 27.09
C GLU B 243 14.26 -10.25 25.69
N VAL B 244 13.88 -8.98 25.52
CA VAL B 244 14.00 -8.32 24.24
C VAL B 244 15.44 -7.90 23.93
N SER B 245 16.17 -7.63 25.00
CA SER B 245 17.53 -7.07 24.95
C SER B 245 18.48 -7.76 23.99
N GLN B 246 18.55 -9.10 24.01
CA GLN B 246 19.36 -9.89 23.11
C GLN B 246 19.15 -9.49 21.66
N TYR B 247 17.89 -9.27 21.29
CA TYR B 247 17.52 -8.96 19.95
C TYR B 247 17.88 -7.53 19.55
N ILE B 248 17.85 -6.61 20.52
CA ILE B 248 18.27 -5.21 20.34
C ILE B 248 19.80 -5.21 20.06
N TYR B 249 20.51 -5.97 20.86
CA TYR B 249 21.97 -6.14 20.70
C TYR B 249 22.29 -6.61 19.28
N GLN B 250 21.60 -7.65 18.80
CA GLN B 250 21.87 -8.20 17.48
C GLN B 250 21.78 -7.19 16.37
N VAL B 251 20.73 -6.42 16.42
CA VAL B 251 20.59 -5.47 15.41
C VAL B 251 21.43 -4.23 15.68
N TYR B 252 21.78 -3.96 16.92
CA TYR B 252 22.60 -2.82 17.27
C TYR B 252 23.90 -3.12 16.52
N ASP B 253 24.34 -4.36 16.67
CA ASP B 253 25.61 -4.83 16.16
C ASP B 253 25.61 -4.86 14.67
N SER B 254 24.50 -5.29 14.09
CA SER B 254 24.41 -5.24 12.66
C SER B 254 24.46 -3.84 12.08
N ILE B 255 23.84 -2.88 12.75
CA ILE B 255 23.83 -1.53 12.26
C ILE B 255 25.26 -0.99 12.26
N LEU B 256 25.99 -1.33 13.29
CA LEU B 256 27.34 -0.76 13.45
C LEU B 256 28.33 -1.47 12.53
N LYS B 257 28.05 -2.73 12.18
CA LYS B 257 28.93 -3.47 11.31
C LYS B 257 28.59 -3.30 9.84
N ASN B 258 27.63 -2.44 9.52
CA ASN B 258 27.26 -2.27 8.11
C ASN B 258 27.01 -0.80 7.80
S1 DTD C . -19.53 -8.56 -34.32
C1 DTD C . -19.76 -8.63 -36.12
C2 DTD C . -21.22 -8.57 -36.51
O2 DTD C . -21.29 -8.70 -37.91
C3 DTD C . -21.99 -7.30 -36.13
O3 DTD C . -23.33 -7.46 -36.58
C4 DTD C . -22.07 -7.03 -34.64
S4 DTD C . -20.43 -6.79 -33.93
MG MG D . -5.33 1.59 -22.56
CL CL E . -2.43 5.27 5.59
CL CL F . -6.23 -20.40 6.36
C1 GOL G . -20.99 -4.68 -9.85
O1 GOL G . -20.08 -5.14 -10.83
C2 GOL G . -20.76 -5.44 -8.58
O2 GOL G . -19.43 -5.14 -8.26
C3 GOL G . -21.05 -6.92 -8.77
O3 GOL G . -22.45 -7.11 -8.91
S1 DTD H . 21.54 11.04 31.79
C1 DTD H . 22.69 12.27 32.44
C2 DTD H . 23.54 11.54 33.48
O2 DTD H . 24.21 12.51 34.27
C3 DTD H . 24.57 10.52 32.96
O3 DTD H . 25.33 10.04 34.03
C4 DTD H . 23.91 9.31 32.32
S4 DTD H . 22.87 9.77 30.93
MG MG I . 13.98 8.37 12.35
MG MG J . 26.10 -1.01 34.13
MG MG K . 16.57 1.58 41.15
NI NI L . 2.05 7.15 7.71
CL CL M . -2.69 -11.78 0.60
CL CL N . -3.93 -10.46 20.50
C1 GOL O . 8.63 -8.14 23.86
O1 GOL O . 8.18 -6.83 24.08
C2 GOL O . 7.47 -9.10 23.79
O2 GOL O . 6.68 -8.72 22.70
C3 GOL O . 6.67 -9.08 25.07
O3 GOL O . 7.51 -9.36 26.17
#